data_5UT3
#
_entry.id   5UT3
#
_cell.length_a   44.374
_cell.length_b   57.641
_cell.length_c   60.496
_cell.angle_alpha   90.00
_cell.angle_beta   109.94
_cell.angle_gamma   90.00
#
_symmetry.space_group_name_H-M   'P 1 21 1'
#
loop_
_entity.id
_entity.type
_entity.pdbx_description
1 polymer 'Tyrosine-protein kinase JAK2'
2 non-polymer 5-PHENYL-2-UREIDOTHIOPHENE-3-CARBOXAMIDE
3 non-polymer GLYCEROL
4 non-polymer 'ACETATE ION'
5 water water
#
_entity_poly.entity_id   1
_entity_poly.type   'polypeptide(L)'
_entity_poly.pdbx_seq_one_letter_code
;VFHKIRNEDLIFNESLGQGTFTKIFKGVRREVGDYGQLHETEVLLKVLDKAHRNYSESFFEAASMMSKLSHKHLVLNYGV
CVCGDENILVQEFVKFGSLDTYLKKNKNCINILWKLEVAKQLAAAMHFLEENTLIHGNVCAKNILLIREEDRKTGNPPFI
KLSDPGISITVLPKDILQERIPWVPPECIENPKNLNLATDKWSFGTTLWEICSGGDKPLSALDSQRKLQFYEDRHQLPAP
KAAELANLINNCMDYEPDHRPSFRAIIRDLNSLFTPDLVPRGSHHHHHH
;
_entity_poly.pdbx_strand_id   A
#
# COMPACT_ATOMS: atom_id res chain seq x y z
N PHE A 2 7.52 -10.82 16.48
CA PHE A 2 6.20 -10.28 16.77
C PHE A 2 5.69 -10.68 18.15
N HIS A 3 5.02 -9.72 18.79
CA HIS A 3 4.25 -10.02 19.98
C HIS A 3 3.15 -11.01 19.66
N LYS A 4 2.99 -12.02 20.52
CA LYS A 4 1.97 -13.04 20.35
C LYS A 4 0.72 -12.61 21.10
N ILE A 5 -0.41 -12.60 20.40
CA ILE A 5 -1.70 -12.23 20.96
C ILE A 5 -2.56 -13.50 20.99
N ARG A 6 -3.21 -13.75 22.12
CA ARG A 6 -4.05 -14.93 22.28
C ARG A 6 -5.36 -14.81 21.49
N ASN A 7 -5.82 -15.93 20.93
CA ASN A 7 -7.10 -15.92 20.23
C ASN A 7 -8.23 -15.47 21.14
N GLU A 8 -8.20 -15.86 22.41
CA GLU A 8 -9.29 -15.52 23.32
C GLU A 8 -9.37 -14.03 23.55
N ASP A 9 -8.33 -13.29 23.21
CA ASP A 9 -8.35 -11.85 23.42
C ASP A 9 -8.79 -11.09 22.18
N LEU A 10 -9.18 -11.80 21.13
CA LEU A 10 -9.57 -11.17 19.88
C LEU A 10 -11.02 -11.51 19.56
N ILE A 11 -11.77 -10.50 19.15
CA ILE A 11 -13.13 -10.70 18.68
C ILE A 11 -13.16 -10.27 17.22
N PHE A 12 -13.65 -11.15 16.33
CA PHE A 12 -13.80 -10.83 14.92
C PHE A 12 -15.16 -10.18 14.67
N ASN A 13 -15.16 -9.02 14.00
CA ASN A 13 -16.42 -8.42 13.57
C ASN A 13 -16.42 -8.31 12.05
N GLU A 14 -16.87 -7.19 11.50
CA GLU A 14 -17.27 -7.23 10.09
C GLU A 14 -16.10 -7.40 9.13
N SER A 15 -16.40 -8.03 7.99
CA SER A 15 -15.44 -8.13 6.91
C SER A 15 -15.22 -6.75 6.30
N LEU A 16 -13.95 -6.44 6.01
CA LEU A 16 -13.58 -5.19 5.37
C LEU A 16 -13.04 -5.40 3.98
N GLY A 17 -13.00 -6.65 3.51
CA GLY A 17 -12.53 -6.95 2.17
C GLY A 17 -11.55 -8.10 2.17
N GLN A 18 -10.82 -8.20 1.04
CA GLN A 18 -9.90 -9.30 0.81
C GLN A 18 -8.63 -8.75 0.16
N GLY A 19 -7.51 -9.40 0.44
CA GLY A 19 -6.30 -9.18 -0.32
C GLY A 19 -5.88 -10.46 -0.99
N THR A 20 -4.63 -10.53 -1.44
CA THR A 20 -4.15 -11.72 -2.13
C THR A 20 -3.96 -12.84 -1.11
N PHE A 21 -4.82 -13.87 -1.20
CA PHE A 21 -4.80 -15.01 -0.29
C PHE A 21 -5.14 -14.62 1.14
N THR A 22 -5.81 -13.48 1.35
CA THR A 22 -6.11 -13.00 2.69
C THR A 22 -7.54 -12.48 2.76
N LYS A 23 -8.06 -12.42 3.98
CA LYS A 23 -9.34 -11.79 4.28
C LYS A 23 -9.12 -10.84 5.44
N ILE A 24 -9.74 -9.66 5.39
CA ILE A 24 -9.53 -8.63 6.40
C ILE A 24 -10.83 -8.36 7.15
N PHE A 25 -10.71 -8.15 8.47
CA PHE A 25 -11.86 -7.93 9.35
C PHE A 25 -11.56 -6.82 10.32
N LYS A 26 -12.59 -6.06 10.68
CA LYS A 26 -12.51 -5.24 11.87
C LYS A 26 -12.66 -6.15 13.09
N GLY A 27 -11.91 -5.87 14.14
CA GLY A 27 -12.05 -6.66 15.36
C GLY A 27 -11.77 -5.84 16.61
N VAL A 28 -11.85 -6.51 17.75
CA VAL A 28 -11.52 -5.90 19.04
C VAL A 28 -10.48 -6.75 19.74
N ARG A 29 -9.49 -6.09 20.32
CA ARG A 29 -8.48 -6.75 21.13
C ARG A 29 -8.64 -6.32 22.57
N ARG A 30 -8.83 -7.28 23.46
CA ARG A 30 -8.82 -7.00 24.90
C ARG A 30 -7.37 -7.03 25.37
N GLU A 31 -6.96 -5.97 26.06
CA GLU A 31 -5.55 -5.92 26.47
C GLU A 31 -5.39 -5.08 27.73
N VAL A 32 -4.28 -5.33 28.42
CA VAL A 32 -3.82 -4.44 29.49
C VAL A 32 -2.92 -3.39 28.85
N GLY A 33 -3.28 -2.12 29.01
CA GLY A 33 -2.49 -1.03 28.48
C GLY A 33 -1.72 -0.27 29.53
N ASP A 34 -1.38 0.97 29.20
CA ASP A 34 -0.58 1.79 30.10
C ASP A 34 -1.25 1.92 31.45
N TYR A 35 -0.44 2.01 32.49
CA TYR A 35 -0.87 2.12 33.87
C TYR A 35 -1.69 0.92 34.32
N GLY A 36 -1.64 -0.17 33.57
CA GLY A 36 -2.41 -1.34 33.96
C GLY A 36 -3.89 -1.25 33.66
N GLN A 37 -4.32 -0.25 32.90
CA GLN A 37 -5.72 -0.09 32.58
C GLN A 37 -6.14 -1.11 31.53
N LEU A 38 -7.32 -1.70 31.72
CA LEU A 38 -7.88 -2.58 30.70
C LEU A 38 -8.49 -1.79 29.55
N HIS A 39 -8.26 -2.27 28.33
CA HIS A 39 -8.75 -1.63 27.11
C HIS A 39 -9.40 -2.66 26.21
N GLU A 40 -10.39 -2.21 25.46
CA GLU A 40 -10.97 -2.98 24.35
C GLU A 40 -10.68 -2.14 23.10
N THR A 41 -9.62 -2.52 22.39
CA THR A 41 -9.05 -1.70 21.32
C THR A 41 -9.54 -2.18 19.96
N GLU A 42 -10.00 -1.24 19.14
CA GLU A 42 -10.33 -1.59 17.75
C GLU A 42 -9.05 -1.96 17.00
N VAL A 43 -9.12 -3.03 16.21
CA VAL A 43 -7.95 -3.52 15.49
C VAL A 43 -8.38 -3.99 14.11
N LEU A 44 -7.40 -4.03 13.22
CA LEU A 44 -7.53 -4.67 11.91
C LEU A 44 -6.97 -6.09 12.00
N LEU A 45 -7.78 -7.09 11.62
CA LEU A 45 -7.37 -8.49 11.65
C LEU A 45 -7.21 -8.97 10.22
N LYS A 46 -5.99 -9.34 9.86
CA LYS A 46 -5.67 -9.80 8.51
C LYS A 46 -5.41 -11.30 8.60
N VAL A 47 -6.21 -12.11 7.89
CA VAL A 47 -6.20 -13.55 8.07
C VAL A 47 -5.73 -14.20 6.78
N LEU A 48 -4.64 -14.96 6.86
CA LEU A 48 -4.20 -15.76 5.72
C LEU A 48 -5.17 -16.90 5.48
N ASP A 49 -5.63 -17.07 4.23
CA ASP A 49 -6.51 -18.19 3.89
C ASP A 49 -5.87 -19.51 4.27
N LYS A 50 -6.66 -20.41 4.89
CA LYS A 50 -6.14 -21.71 5.28
C LYS A 50 -5.64 -22.48 4.07
N ALA A 51 -6.33 -22.37 2.94
CA ALA A 51 -5.89 -23.03 1.70
C ALA A 51 -4.51 -22.58 1.29
N HIS A 52 -4.03 -21.45 1.79
CA HIS A 52 -2.78 -20.87 1.34
C HIS A 52 -1.79 -20.75 2.49
N ARG A 53 -1.96 -21.61 3.51
CA ARG A 53 -1.05 -21.60 4.66
C ARG A 53 0.42 -21.73 4.28
N ASN A 54 0.74 -22.32 3.12
CA ASN A 54 2.13 -22.48 2.72
C ASN A 54 2.78 -21.14 2.40
N TYR A 55 2.03 -20.05 2.35
CA TYR A 55 2.59 -18.71 2.20
C TYR A 55 2.83 -18.00 3.52
N SER A 56 2.67 -18.70 4.65
CA SER A 56 2.70 -18.03 5.95
C SER A 56 4.00 -17.25 6.16
N GLU A 57 5.14 -17.84 5.79
CA GLU A 57 6.41 -17.14 5.96
C GLU A 57 6.38 -15.78 5.25
N SER A 58 6.03 -15.78 3.95
CA SER A 58 6.01 -14.50 3.23
C SER A 58 4.97 -13.57 3.82
N PHE A 59 3.84 -14.14 4.24
CA PHE A 59 2.76 -13.34 4.82
C PHE A 59 3.26 -12.57 6.02
N PHE A 60 3.99 -13.26 6.91
CA PHE A 60 4.47 -12.58 8.11
C PHE A 60 5.66 -11.70 7.80
N GLU A 61 6.48 -12.09 6.80
CA GLU A 61 7.66 -11.31 6.48
C GLU A 61 7.25 -9.94 5.96
N ALA A 62 6.15 -9.88 5.22
CA ALA A 62 5.63 -8.59 4.76
C ALA A 62 5.41 -7.67 5.93
N ALA A 63 4.73 -8.18 6.97
CA ALA A 63 4.49 -7.33 8.14
C ALA A 63 5.78 -7.05 8.89
N SER A 64 6.67 -8.05 8.95
CA SER A 64 7.95 -7.84 9.62
C SER A 64 8.66 -6.66 8.99
N MET A 65 8.50 -6.50 7.67
CA MET A 65 9.12 -5.39 6.97
C MET A 65 8.65 -4.06 7.53
N MET A 66 7.35 -3.96 7.82
CA MET A 66 6.80 -2.70 8.28
C MET A 66 7.17 -2.42 9.72
N SER A 67 7.61 -3.42 10.47
CA SER A 67 7.93 -3.21 11.87
C SER A 67 9.43 -3.14 12.14
N LYS A 68 10.25 -3.33 11.11
CA LYS A 68 11.69 -3.16 11.28
C LYS A 68 12.02 -1.74 11.71
N LEU A 69 11.25 -0.78 11.21
CA LEU A 69 11.40 0.65 11.46
C LEU A 69 10.10 1.19 12.04
N SER A 70 10.19 2.36 12.68
CA SER A 70 9.05 3.08 13.23
C SER A 70 8.98 4.45 12.56
N HIS A 71 7.80 4.85 12.08
CA HIS A 71 7.68 6.12 11.38
C HIS A 71 6.22 6.54 11.37
N LYS A 72 5.97 7.85 11.43
CA LYS A 72 4.60 8.35 11.50
C LYS A 72 3.77 7.98 10.28
N HIS A 73 4.39 7.68 9.13
CA HIS A 73 3.63 7.31 7.93
C HIS A 73 3.62 5.80 7.67
N LEU A 74 4.00 4.97 8.64
CA LEU A 74 3.97 3.52 8.48
C LEU A 74 2.96 2.92 9.46
N VAL A 75 2.09 2.03 8.95
CA VAL A 75 1.07 1.36 9.77
C VAL A 75 1.72 0.63 10.93
N LEU A 76 1.05 0.70 12.09
CA LEU A 76 1.48 -0.03 13.28
C LEU A 76 1.00 -1.48 13.27
N ASN A 77 1.93 -2.42 13.46
CA ASN A 77 1.58 -3.81 13.75
C ASN A 77 1.54 -3.98 15.26
N TYR A 78 0.47 -4.60 15.75
CA TYR A 78 0.39 -4.88 17.18
C TYR A 78 0.92 -6.26 17.52
N GLY A 79 0.78 -7.20 16.61
CA GLY A 79 1.24 -8.54 16.92
C GLY A 79 0.62 -9.54 15.97
N VAL A 80 0.72 -10.82 16.34
CA VAL A 80 0.22 -11.90 15.53
C VAL A 80 -0.55 -12.84 16.42
N CYS A 81 -1.51 -13.55 15.83
CA CYS A 81 -2.22 -14.62 16.51
C CYS A 81 -2.04 -15.87 15.66
N VAL A 82 -1.34 -16.86 16.20
CA VAL A 82 -1.12 -18.10 15.49
C VAL A 82 -1.71 -19.27 16.28
N CYS A 83 -2.73 -19.00 17.09
CA CYS A 83 -3.43 -20.05 17.82
C CYS A 83 -4.15 -20.98 16.85
N GLY A 84 -4.25 -22.25 17.25
CA GLY A 84 -5.01 -23.17 16.43
C GLY A 84 -4.47 -23.25 15.02
N ASP A 85 -5.36 -23.22 14.04
CA ASP A 85 -4.97 -23.29 12.64
C ASP A 85 -4.99 -21.91 11.97
N GLU A 86 -4.95 -20.84 12.74
CA GLU A 86 -5.03 -19.49 12.21
C GLU A 86 -3.64 -18.90 12.00
N ASN A 87 -3.50 -18.07 10.96
CA ASN A 87 -2.37 -17.16 10.79
C ASN A 87 -2.94 -15.76 10.68
N ILE A 88 -2.85 -14.97 11.73
CA ILE A 88 -3.52 -13.67 11.80
C ILE A 88 -2.51 -12.59 12.14
N LEU A 89 -2.55 -11.50 11.39
CA LEU A 89 -1.79 -10.29 11.66
C LEU A 89 -2.74 -9.29 12.30
N VAL A 90 -2.32 -8.69 13.43
CA VAL A 90 -3.15 -7.74 14.16
C VAL A 90 -2.50 -6.37 14.01
N GLN A 91 -3.23 -5.44 13.36
CA GLN A 91 -2.72 -4.10 13.04
C GLN A 91 -3.63 -3.00 13.56
N GLU A 92 -3.14 -1.76 13.54
CA GLU A 92 -4.00 -0.65 13.94
C GLU A 92 -5.19 -0.52 13.00
N PHE A 93 -6.33 -0.13 13.57
CA PHE A 93 -7.52 0.09 12.79
C PHE A 93 -7.60 1.55 12.36
N VAL A 94 -7.79 1.77 11.06
CA VAL A 94 -7.83 3.10 10.47
C VAL A 94 -9.25 3.38 10.05
N LYS A 95 -9.85 4.42 10.65
CA LYS A 95 -11.29 4.64 10.55
C LYS A 95 -11.73 4.83 9.10
N PHE A 96 -10.95 5.54 8.29
CA PHE A 96 -11.43 5.90 6.96
C PHE A 96 -10.99 4.93 5.88
N GLY A 97 -10.32 3.87 6.24
CA GLY A 97 -10.05 2.79 5.31
C GLY A 97 -8.99 3.10 4.28
N SER A 98 -9.02 2.33 3.20
CA SER A 98 -7.96 2.34 2.22
C SER A 98 -8.22 3.42 1.18
N LEU A 99 -7.11 3.91 0.61
CA LEU A 99 -7.22 5.09 -0.22
C LEU A 99 -7.91 4.81 -1.56
N ASP A 100 -7.82 3.60 -2.11
CA ASP A 100 -8.49 3.33 -3.37
C ASP A 100 -10.00 3.53 -3.24
N THR A 101 -10.57 2.95 -2.17
CA THR A 101 -12.00 3.10 -1.91
C THR A 101 -12.35 4.55 -1.63
N TYR A 102 -11.53 5.23 -0.83
CA TYR A 102 -11.83 6.62 -0.50
C TYR A 102 -11.82 7.50 -1.74
N LEU A 103 -10.85 7.28 -2.63
CA LEU A 103 -10.79 8.05 -3.86
C LEU A 103 -12.02 7.82 -4.73
N LYS A 104 -12.47 6.56 -4.82
CA LYS A 104 -13.65 6.26 -5.65
C LYS A 104 -14.89 6.91 -5.07
N LYS A 105 -15.06 6.83 -3.75
CA LYS A 105 -16.26 7.34 -3.12
C LYS A 105 -16.29 8.87 -3.05
N ASN A 106 -15.13 9.52 -2.94
CA ASN A 106 -15.06 10.96 -2.70
C ASN A 106 -14.50 11.72 -3.91
N LYS A 107 -14.61 11.10 -5.09
CA LYS A 107 -14.07 11.66 -6.33
C LYS A 107 -14.44 13.13 -6.53
N ASN A 108 -15.63 13.54 -6.10
CA ASN A 108 -16.13 14.87 -6.45
C ASN A 108 -15.61 15.97 -5.53
N CYS A 109 -15.10 15.65 -4.35
CA CYS A 109 -14.66 16.68 -3.42
C CYS A 109 -13.16 16.57 -3.10
N ILE A 110 -12.39 15.92 -3.96
CA ILE A 110 -10.95 15.80 -3.78
C ILE A 110 -10.29 16.63 -4.87
N ASN A 111 -9.60 17.71 -4.47
CA ASN A 111 -9.04 18.66 -5.41
C ASN A 111 -7.54 18.49 -5.52
N ILE A 112 -6.92 19.38 -6.30
CA ILE A 112 -5.49 19.25 -6.61
C ILE A 112 -4.63 19.36 -5.36
N LEU A 113 -5.04 20.21 -4.40
CA LEU A 113 -4.23 20.41 -3.20
C LEU A 113 -4.28 19.19 -2.30
N TRP A 114 -5.44 18.53 -2.21
CA TRP A 114 -5.55 17.27 -1.47
C TRP A 114 -4.63 16.22 -2.07
N LYS A 115 -4.69 16.06 -3.40
CA LYS A 115 -3.85 15.08 -4.07
C LYS A 115 -2.37 15.39 -3.87
N LEU A 116 -2.00 16.67 -3.94
CA LEU A 116 -0.61 17.05 -3.76
C LEU A 116 -0.14 16.74 -2.35
N GLU A 117 -0.98 17.03 -1.34
CA GLU A 117 -0.60 16.75 0.03
C GLU A 117 -0.42 15.25 0.27
N VAL A 118 -1.34 14.44 -0.26
CA VAL A 118 -1.22 13.00 -0.09
C VAL A 118 0.02 12.47 -0.81
N ALA A 119 0.27 12.99 -2.02
CA ALA A 119 1.47 12.59 -2.76
C ALA A 119 2.74 12.91 -1.97
N LYS A 120 2.78 14.09 -1.34
CA LYS A 120 3.94 14.48 -0.56
C LYS A 120 4.13 13.55 0.62
N GLN A 121 3.05 13.17 1.29
CA GLN A 121 3.17 12.28 2.44
C GLN A 121 3.63 10.90 2.00
N LEU A 122 3.07 10.39 0.88
CA LEU A 122 3.53 9.09 0.39
C LEU A 122 5.01 9.17 0.03
N ALA A 123 5.42 10.26 -0.63
CA ALA A 123 6.82 10.39 -0.98
C ALA A 123 7.71 10.49 0.26
N ALA A 124 7.24 11.14 1.32
CA ALA A 124 8.00 11.16 2.58
C ALA A 124 8.19 9.76 3.14
N ALA A 125 7.13 8.94 3.16
CA ALA A 125 7.26 7.57 3.62
C ALA A 125 8.26 6.79 2.77
N MET A 126 8.18 6.96 1.44
CA MET A 126 9.09 6.22 0.56
C MET A 126 10.52 6.72 0.67
N HIS A 127 10.71 8.00 0.94
CA HIS A 127 12.06 8.51 1.16
C HIS A 127 12.66 7.87 2.40
N PHE A 128 11.86 7.80 3.48
CA PHE A 128 12.33 7.13 4.69
C PHE A 128 12.73 5.68 4.40
N LEU A 129 11.92 4.96 3.63
CA LEU A 129 12.29 3.59 3.31
C LEU A 129 13.55 3.55 2.46
N GLU A 130 13.68 4.46 1.47
CA GLU A 130 14.85 4.47 0.62
C GLU A 130 16.12 4.75 1.42
N GLU A 131 16.09 5.73 2.32
CA GLU A 131 17.24 6.02 3.18
C GLU A 131 17.65 4.82 4.01
N ASN A 132 16.69 3.98 4.41
CA ASN A 132 16.92 2.74 5.14
C ASN A 132 17.12 1.54 4.25
N THR A 133 17.24 1.75 2.93
CA THR A 133 17.39 0.72 1.91
C THR A 133 16.44 -0.45 2.17
N LEU A 134 15.18 -0.13 2.45
CA LEU A 134 14.16 -1.13 2.74
C LEU A 134 13.12 -1.14 1.63
N ILE A 135 13.01 -2.27 0.93
CA ILE A 135 12.06 -2.40 -0.17
C ILE A 135 10.67 -2.66 0.40
N HIS A 136 9.68 -1.95 -0.13
CA HIS A 136 8.29 -2.25 0.19
C HIS A 136 7.75 -3.34 -0.74
N GLY A 137 7.72 -3.08 -2.04
CA GLY A 137 7.41 -4.10 -3.01
C GLY A 137 5.97 -4.11 -3.48
N ASN A 138 5.08 -3.33 -2.86
CA ASN A 138 3.71 -3.32 -3.36
C ASN A 138 3.05 -1.99 -3.01
N VAL A 139 3.62 -0.90 -3.53
CA VAL A 139 3.02 0.41 -3.33
C VAL A 139 1.82 0.55 -4.26
N CYS A 140 0.66 0.85 -3.68
CA CYS A 140 -0.59 1.01 -4.44
C CYS A 140 -1.59 1.70 -3.53
N ALA A 141 -2.65 2.27 -4.13
CA ALA A 141 -3.61 2.99 -3.29
C ALA A 141 -4.34 2.06 -2.31
N LYS A 142 -4.50 0.78 -2.66
CA LYS A 142 -5.11 -0.16 -1.72
C LYS A 142 -4.28 -0.35 -0.46
N ASN A 143 -2.98 -0.08 -0.53
CA ASN A 143 -2.09 -0.19 0.62
C ASN A 143 -1.79 1.15 1.26
N ILE A 144 -2.62 2.15 1.00
CA ILE A 144 -2.52 3.45 1.67
C ILE A 144 -3.79 3.64 2.49
N LEU A 145 -3.64 4.03 3.75
CA LEU A 145 -4.73 4.14 4.70
C LEU A 145 -4.92 5.59 5.08
N LEU A 146 -6.15 6.06 5.12
CA LEU A 146 -6.46 7.44 5.47
C LEU A 146 -6.75 7.51 6.97
N ILE A 147 -5.78 8.03 7.74
CA ILE A 147 -5.92 8.21 9.19
C ILE A 147 -6.90 9.32 9.53
N ARG A 148 -6.80 10.45 8.81
CA ARG A 148 -7.53 11.67 9.10
C ARG A 148 -7.96 12.32 7.80
N GLU A 149 -9.22 12.73 7.74
CA GLU A 149 -9.72 13.49 6.59
C GLU A 149 -9.23 14.93 6.65
N GLU A 150 -9.20 15.56 5.48
CA GLU A 150 -8.93 16.98 5.41
C GLU A 150 -10.01 17.75 6.15
N ASP A 151 -9.61 18.83 6.82
CA ASP A 151 -10.56 19.74 7.49
C ASP A 151 -10.07 21.16 7.23
N ARG A 152 -10.62 21.80 6.20
CA ARG A 152 -10.24 23.17 5.89
C ARG A 152 -10.57 24.13 7.03
N LYS A 153 -11.61 23.83 7.82
CA LYS A 153 -12.01 24.73 8.89
C LYS A 153 -10.88 24.96 9.88
N THR A 154 -10.08 23.92 10.14
CA THR A 154 -8.88 24.04 10.95
C THR A 154 -7.61 24.05 10.11
N GLY A 155 -7.73 24.23 8.80
CA GLY A 155 -6.60 24.11 7.89
C GLY A 155 -5.93 22.76 7.85
N ASN A 156 -6.49 21.74 8.49
CA ASN A 156 -5.80 20.48 8.70
C ASN A 156 -5.76 19.65 7.42
N PRO A 157 -4.59 19.24 6.95
CA PRO A 157 -4.53 18.37 5.78
C PRO A 157 -5.00 16.96 6.10
N PRO A 158 -5.31 16.16 5.08
CA PRO A 158 -5.45 14.72 5.32
C PRO A 158 -4.14 14.16 5.82
N PHE A 159 -4.21 12.98 6.44
CA PHE A 159 -3.01 12.29 6.90
C PHE A 159 -3.13 10.82 6.53
N ILE A 160 -2.09 10.28 5.87
CA ILE A 160 -2.08 8.89 5.41
C ILE A 160 -0.96 8.10 6.06
N LYS A 161 -1.13 6.76 6.03
CA LYS A 161 -0.05 5.83 6.31
C LYS A 161 0.05 4.78 5.21
N LEU A 162 1.24 4.27 5.01
CA LEU A 162 1.49 3.15 4.12
C LEU A 162 1.35 1.86 4.91
N SER A 163 0.57 0.92 4.36
CA SER A 163 0.35 -0.37 4.99
C SER A 163 1.36 -1.39 4.47
N ASP A 164 1.34 -2.61 4.99
CA ASP A 164 2.31 -3.62 4.58
C ASP A 164 2.02 -4.11 3.15
N PRO A 165 3.03 -4.68 2.47
CA PRO A 165 2.87 -5.05 1.06
C PRO A 165 2.13 -6.34 0.83
N GLY A 166 1.88 -7.13 1.86
CA GLY A 166 1.33 -8.46 1.64
C GLY A 166 2.37 -9.42 1.10
N ILE A 167 1.92 -10.64 0.82
CA ILE A 167 2.81 -11.68 0.30
C ILE A 167 3.60 -11.12 -0.89
N SER A 168 4.92 -11.35 -0.89
CA SER A 168 5.83 -10.75 -1.86
C SER A 168 5.57 -11.21 -3.28
N ILE A 169 5.78 -10.30 -4.24
CA ILE A 169 5.74 -10.70 -5.65
C ILE A 169 6.84 -11.69 -5.99
N THR A 170 7.87 -11.85 -5.14
CA THR A 170 8.88 -12.85 -5.43
C THR A 170 8.40 -14.27 -5.23
N VAL A 171 7.27 -14.49 -4.56
CA VAL A 171 6.76 -15.84 -4.38
C VAL A 171 5.39 -16.05 -4.99
N LEU A 172 4.75 -15.01 -5.52
CA LEU A 172 3.39 -15.17 -6.01
C LEU A 172 3.36 -15.83 -7.40
N PRO A 173 2.26 -16.51 -7.72
CA PRO A 173 2.10 -17.06 -9.07
C PRO A 173 2.18 -15.99 -10.14
N LYS A 174 2.70 -16.40 -11.32
CA LYS A 174 2.90 -15.46 -12.43
C LYS A 174 1.60 -14.79 -12.87
N ASP A 175 0.47 -15.52 -12.86
CA ASP A 175 -0.77 -14.90 -13.32
C ASP A 175 -1.20 -13.74 -12.42
N ILE A 176 -0.91 -13.83 -11.13
CA ILE A 176 -1.24 -12.72 -10.23
C ILE A 176 -0.37 -11.51 -10.54
N LEU A 177 0.94 -11.74 -10.76
CA LEU A 177 1.82 -10.63 -11.11
C LEU A 177 1.35 -9.95 -12.39
N GLN A 178 0.94 -10.74 -13.39
CA GLN A 178 0.48 -10.13 -14.63
C GLN A 178 -0.77 -9.30 -14.40
N GLU A 179 -1.69 -9.80 -13.57
CA GLU A 179 -2.87 -8.99 -13.29
C GLU A 179 -2.53 -7.71 -12.54
N ARG A 180 -1.36 -7.67 -11.89
CA ARG A 180 -0.93 -6.49 -11.16
C ARG A 180 -0.16 -5.51 -12.02
N ILE A 181 -0.01 -5.75 -13.30
CA ILE A 181 0.47 -4.68 -14.19
C ILE A 181 -0.60 -3.59 -14.20
N PRO A 182 -0.26 -2.30 -14.10
CA PRO A 182 1.08 -1.69 -14.17
C PRO A 182 1.65 -1.25 -12.83
N TRP A 183 1.25 -1.87 -11.72
CA TRP A 183 1.93 -1.64 -10.45
C TRP A 183 3.23 -2.42 -10.38
N VAL A 184 3.22 -3.67 -10.82
CA VAL A 184 4.47 -4.43 -10.88
C VAL A 184 5.29 -3.92 -12.05
N PRO A 185 6.53 -3.50 -11.85
CA PRO A 185 7.31 -2.90 -12.95
C PRO A 185 7.72 -3.92 -13.99
N PRO A 186 8.08 -3.46 -15.19
CA PRO A 186 8.40 -4.42 -16.27
C PRO A 186 9.53 -5.36 -15.92
N GLU A 187 10.56 -4.88 -15.21
CA GLU A 187 11.68 -5.76 -14.95
C GLU A 187 11.29 -6.87 -13.99
N CYS A 188 10.23 -6.68 -13.22
CA CYS A 188 9.76 -7.72 -12.31
C CYS A 188 8.81 -8.69 -12.99
N ILE A 189 8.14 -8.25 -14.05
CA ILE A 189 7.44 -9.21 -14.91
C ILE A 189 8.44 -10.11 -15.60
N GLU A 190 9.56 -9.54 -16.06
CA GLU A 190 10.60 -10.34 -16.69
C GLU A 190 11.22 -11.31 -15.68
N ASN A 191 11.49 -10.84 -14.48
CA ASN A 191 12.08 -11.68 -13.45
C ASN A 191 11.70 -11.15 -12.08
N PRO A 192 10.80 -11.81 -11.35
CA PRO A 192 10.38 -11.27 -10.05
C PRO A 192 11.53 -11.08 -9.09
N LYS A 193 12.64 -11.78 -9.27
CA LYS A 193 13.81 -11.57 -8.41
C LYS A 193 14.50 -10.24 -8.68
N ASN A 194 14.10 -9.51 -9.72
CA ASN A 194 14.60 -8.15 -9.95
C ASN A 194 14.05 -7.16 -8.98
N LEU A 195 13.25 -7.58 -8.00
CA LEU A 195 12.71 -6.64 -7.02
C LEU A 195 13.82 -5.88 -6.30
N ASN A 196 13.71 -4.56 -6.25
CA ASN A 196 14.79 -3.65 -5.89
C ASN A 196 14.15 -2.36 -5.41
N LEU A 197 14.97 -1.46 -4.84
CA LEU A 197 14.40 -0.14 -4.50
C LEU A 197 13.79 0.54 -5.70
N ALA A 198 14.37 0.36 -6.90
CA ALA A 198 13.78 1.01 -8.07
C ALA A 198 12.37 0.52 -8.37
N THR A 199 12.02 -0.71 -7.93
CA THR A 199 10.66 -1.18 -8.06
C THR A 199 9.67 -0.20 -7.48
N ASP A 200 9.99 0.29 -6.28
CA ASP A 200 9.04 1.13 -5.56
C ASP A 200 8.88 2.48 -6.22
N LYS A 201 9.90 2.96 -6.96
CA LYS A 201 9.74 4.21 -7.69
C LYS A 201 8.71 4.05 -8.81
N TRP A 202 8.77 2.93 -9.54
CA TRP A 202 7.77 2.71 -10.59
C TRP A 202 6.37 2.62 -9.99
N SER A 203 6.22 1.80 -8.94
CA SER A 203 4.90 1.61 -8.35
C SER A 203 4.37 2.88 -7.72
N PHE A 204 5.26 3.72 -7.16
CA PHE A 204 4.86 5.04 -6.70
C PHE A 204 4.24 5.85 -7.82
N GLY A 205 4.86 5.81 -9.02
CA GLY A 205 4.23 6.47 -10.18
C GLY A 205 2.83 5.97 -10.47
N THR A 206 2.64 4.64 -10.47
CA THR A 206 1.30 4.10 -10.72
C THR A 206 0.31 4.56 -9.65
N THR A 207 0.79 4.63 -8.40
CA THR A 207 -0.06 5.03 -7.29
C THR A 207 -0.45 6.50 -7.39
N LEU A 208 0.50 7.37 -7.82
CA LEU A 208 0.13 8.75 -8.09
C LEU A 208 -0.93 8.83 -9.17
N TRP A 209 -0.81 7.99 -10.20
CA TRP A 209 -1.87 7.97 -11.20
C TRP A 209 -3.23 7.63 -10.57
N GLU A 210 -3.25 6.63 -9.69
CA GLU A 210 -4.49 6.31 -8.97
C GLU A 210 -5.03 7.52 -8.22
N ILE A 211 -4.15 8.18 -7.46
CA ILE A 211 -4.54 9.35 -6.66
C ILE A 211 -5.16 10.43 -7.54
N CYS A 212 -4.65 10.57 -8.75
CA CYS A 212 -5.11 11.62 -9.64
C CYS A 212 -6.33 11.22 -10.46
N SER A 213 -6.76 9.96 -10.40
CA SER A 213 -7.79 9.42 -11.28
C SER A 213 -9.05 8.95 -10.55
N GLY A 214 -9.30 9.43 -9.33
CA GLY A 214 -10.62 9.32 -8.73
C GLY A 214 -11.15 7.91 -8.51
N GLY A 215 -10.30 6.95 -8.22
CA GLY A 215 -10.72 5.59 -8.03
C GLY A 215 -10.44 4.67 -9.20
N ASP A 216 -10.13 5.22 -10.37
CA ASP A 216 -9.90 4.39 -11.54
C ASP A 216 -8.65 3.55 -11.37
N LYS A 217 -8.67 2.36 -11.96
CA LYS A 217 -7.52 1.48 -11.98
C LYS A 217 -6.87 1.53 -13.34
N PRO A 218 -5.59 1.85 -13.45
CA PRO A 218 -4.96 1.99 -14.76
C PRO A 218 -4.92 0.65 -15.49
N LEU A 219 -5.24 0.72 -16.80
CA LEU A 219 -5.29 -0.45 -17.68
C LEU A 219 -6.31 -1.48 -17.26
N SER A 220 -7.32 -1.10 -16.48
CA SER A 220 -8.30 -2.11 -16.06
C SER A 220 -9.00 -2.76 -17.24
N ALA A 221 -9.11 -2.05 -18.36
CA ALA A 221 -9.81 -2.63 -19.51
C ALA A 221 -8.98 -3.67 -20.25
N LEU A 222 -7.68 -3.77 -19.94
CA LEU A 222 -6.82 -4.73 -20.62
C LEU A 222 -6.78 -6.04 -19.85
N ASP A 223 -7.01 -7.16 -20.55
CA ASP A 223 -6.79 -8.45 -19.90
C ASP A 223 -5.28 -8.67 -19.70
N SER A 224 -4.93 -9.79 -19.05
CA SER A 224 -3.52 -10.02 -18.71
C SER A 224 -2.62 -10.06 -19.93
N GLN A 225 -3.04 -10.74 -21.00
CA GLN A 225 -2.21 -10.78 -22.20
C GLN A 225 -1.93 -9.38 -22.74
N ARG A 226 -2.96 -8.53 -22.76
CA ARG A 226 -2.79 -7.17 -23.26
C ARG A 226 -1.97 -6.31 -22.31
N LYS A 227 -2.05 -6.55 -21.00
CA LYS A 227 -1.16 -5.82 -20.09
C LYS A 227 0.30 -6.18 -20.35
N LEU A 228 0.57 -7.47 -20.62
CA LEU A 228 1.93 -7.86 -21.00
C LEU A 228 2.37 -7.13 -22.25
N GLN A 229 1.50 -7.09 -23.27
CA GLN A 229 1.90 -6.45 -24.50
C GLN A 229 2.09 -4.94 -24.31
N PHE A 230 1.34 -4.33 -23.39
CA PHE A 230 1.54 -2.92 -23.04
C PHE A 230 2.99 -2.68 -22.64
N TYR A 231 3.53 -3.58 -21.80
CA TYR A 231 4.95 -3.45 -21.45
C TYR A 231 5.87 -3.74 -22.63
N GLU A 232 5.52 -4.75 -23.45
CA GLU A 232 6.39 -5.09 -24.57
C GLU A 232 6.49 -3.94 -25.55
N ASP A 233 5.42 -3.17 -25.71
CA ASP A 233 5.40 -2.03 -26.61
C ASP A 233 5.86 -0.75 -25.95
N ARG A 234 6.23 -0.81 -24.66
CA ARG A 234 6.85 0.32 -23.96
C ARG A 234 5.90 1.51 -23.85
N HIS A 235 4.63 1.23 -23.63
CA HIS A 235 3.66 2.29 -23.50
C HIS A 235 3.75 2.93 -22.11
N GLN A 236 3.22 4.16 -22.01
CA GLN A 236 3.05 4.87 -20.77
C GLN A 236 1.56 5.06 -20.50
N LEU A 237 1.23 5.34 -19.25
CA LEU A 237 -0.17 5.54 -18.91
C LEU A 237 -0.65 6.86 -19.50
N PRO A 238 -1.93 6.98 -19.82
CA PRO A 238 -2.47 8.27 -20.23
C PRO A 238 -2.40 9.26 -19.09
N ALA A 239 -2.29 10.55 -19.42
CA ALA A 239 -2.30 11.55 -18.36
C ALA A 239 -3.68 11.57 -17.72
N PRO A 240 -3.76 11.70 -16.40
CA PRO A 240 -5.06 11.90 -15.76
C PRO A 240 -5.70 13.21 -16.25
N LYS A 241 -7.04 13.23 -16.23
CA LYS A 241 -7.78 14.42 -16.69
C LYS A 241 -7.26 15.67 -16.00
N ALA A 242 -7.11 15.62 -14.69
CA ALA A 242 -6.34 16.62 -13.95
C ALA A 242 -4.89 16.15 -14.00
N ALA A 243 -4.10 16.79 -14.88
CA ALA A 243 -2.82 16.26 -15.31
C ALA A 243 -1.63 16.91 -14.60
N GLU A 244 -1.86 17.58 -13.46
CA GLU A 244 -0.80 18.32 -12.79
C GLU A 244 0.39 17.44 -12.43
N LEU A 245 0.17 16.15 -12.17
CA LEU A 245 1.23 15.24 -11.75
C LEU A 245 1.65 14.27 -12.87
N ALA A 246 1.16 14.47 -14.10
CA ALA A 246 1.39 13.46 -15.14
C ALA A 246 2.87 13.33 -15.50
N ASN A 247 3.62 14.44 -15.54
CA ASN A 247 5.03 14.31 -15.86
C ASN A 247 5.79 13.56 -14.78
N LEU A 248 5.45 13.81 -13.50
CA LEU A 248 6.08 13.07 -12.41
C LEU A 248 5.74 11.58 -12.49
N ILE A 249 4.47 11.26 -12.75
CA ILE A 249 4.05 9.87 -12.93
C ILE A 249 4.92 9.20 -14.00
N ASN A 250 5.04 9.86 -15.15
CA ASN A 250 5.77 9.22 -16.25
C ASN A 250 7.27 9.15 -15.96
N ASN A 251 7.83 10.14 -15.25
CA ASN A 251 9.25 10.08 -14.91
C ASN A 251 9.55 8.96 -13.94
N CYS A 252 8.62 8.66 -13.05
CA CYS A 252 8.78 7.55 -12.12
C CYS A 252 8.60 6.22 -12.82
N MET A 253 7.66 6.14 -13.78
CA MET A 253 7.42 4.92 -14.56
C MET A 253 8.36 4.87 -15.76
N ASP A 254 9.64 4.91 -15.45
CA ASP A 254 10.67 4.83 -16.48
C ASP A 254 11.03 3.38 -16.72
N TYR A 255 11.00 2.95 -17.99
CA TYR A 255 11.34 1.55 -18.28
C TYR A 255 12.78 1.21 -17.92
N GLU A 256 13.66 2.21 -17.78
CA GLU A 256 15.02 1.97 -17.31
C GLU A 256 15.06 2.16 -15.80
N PRO A 257 15.18 1.10 -15.01
CA PRO A 257 15.10 1.26 -13.55
C PRO A 257 16.13 2.25 -13.01
N ASP A 258 17.34 2.24 -13.58
CA ASP A 258 18.40 3.09 -13.07
C ASP A 258 18.11 4.57 -13.29
N HIS A 259 17.19 4.89 -14.18
CA HIS A 259 16.89 6.29 -14.47
C HIS A 259 15.76 6.84 -13.62
N ARG A 260 15.09 6.01 -12.81
CA ARG A 260 13.99 6.51 -12.01
C ARG A 260 14.53 7.43 -10.91
N PRO A 261 13.86 8.55 -10.67
CA PRO A 261 14.42 9.57 -9.76
C PRO A 261 14.39 9.12 -8.31
N SER A 262 15.35 9.63 -7.53
CA SER A 262 15.36 9.37 -6.10
C SER A 262 14.13 9.98 -5.45
N PHE A 263 13.72 9.43 -4.30
CA PHE A 263 12.59 10.08 -3.63
C PHE A 263 12.93 11.48 -3.14
N ARG A 264 14.21 11.79 -2.87
CA ARG A 264 14.57 13.17 -2.58
C ARG A 264 14.24 14.09 -3.75
N ALA A 265 14.56 13.64 -4.98
CA ALA A 265 14.26 14.44 -6.17
C ALA A 265 12.75 14.51 -6.43
N ILE A 266 12.03 13.43 -6.15
CA ILE A 266 10.58 13.42 -6.27
C ILE A 266 9.97 14.44 -5.33
N ILE A 267 10.43 14.45 -4.08
CA ILE A 267 9.93 15.42 -3.11
C ILE A 267 10.23 16.84 -3.57
N ARG A 268 11.43 17.09 -4.10
CA ARG A 268 11.75 18.44 -4.57
C ARG A 268 10.80 18.84 -5.70
N ASP A 269 10.48 17.91 -6.61
CA ASP A 269 9.56 18.18 -7.70
C ASP A 269 8.16 18.49 -7.17
N LEU A 270 7.65 17.66 -6.24
CA LEU A 270 6.34 17.95 -5.66
C LEU A 270 6.33 19.31 -4.98
N ASN A 271 7.39 19.66 -4.26
CA ASN A 271 7.44 20.94 -3.58
C ASN A 271 7.55 22.11 -4.54
N SER A 272 7.95 21.87 -5.79
CA SER A 272 7.99 22.94 -6.79
C SER A 272 6.62 23.29 -7.37
N LEU A 273 5.60 22.47 -7.15
CA LEU A 273 4.30 22.68 -7.78
C LEU A 273 3.42 23.64 -6.99
#